data_4IHS
#
_entry.id   4IHS
#
_cell.length_a   156.493
_cell.length_b   156.493
_cell.length_c   141.525
_cell.angle_alpha   90.000
_cell.angle_beta   90.000
_cell.angle_gamma   90.000
#
_symmetry.space_group_name_H-M   'P 42 21 2'
#
loop_
_entity.id
_entity.type
_entity.pdbx_description
1 polymer 'HTH-type transcriptional regulator BenM'
2 polymer 'catB site 1 DNA'
3 polymer 'catB site 1 DNA - complement'
4 non-polymer 'MALONATE ION'
5 non-polymer 'SODIUM ION'
6 water water
#
loop_
_entity_poly.entity_id
_entity_poly.type
_entity_poly.pdbx_seq_one_letter_code
_entity_poly.pdbx_strand_id
1 'polypeptide(L)'
;MELRHLRYFVAVVEEQSFTKAADKLCIAQPPLSRQIQNLEEELGIQLLERGSRPVKTTPEGHFFYQYAIKLLSNVDQMVS
MTKRIASGHHHHHH
;
A,B,C,D
2 'polydeoxyribonucleotide'
;(DT)(DT)(DT)(DA)(DT)(DA)(DT)(DA)(DC)(DC)(DT)(DT)(DT)(DT)(DT)(DA)(DG)(DT)(DA)(DT)
(DG)(DC)(DA)(DA)(DA)
;
E,G
3 'polydeoxyribonucleotide'
;(DT)(DT)(DT)(DG)(DC)(DA)(DT)(DA)(DC)(DT)(DA)(DA)(DA)(DA)(DA)(DG)(DG)(DT)(DA)(DT)
(DA)(DT)(DA)(DA)(DA)
;
F,H
#
loop_
_chem_comp.id
_chem_comp.type
_chem_comp.name
_chem_comp.formula
DA DNA linking 2'-DEOXYADENOSINE-5'-MONOPHOSPHATE 'C10 H14 N5 O6 P'
DC DNA linking 2'-DEOXYCYTIDINE-5'-MONOPHOSPHATE 'C9 H14 N3 O7 P'
DG DNA linking 2'-DEOXYGUANOSINE-5'-MONOPHOSPHATE 'C10 H14 N5 O7 P'
DT DNA linking THYMIDINE-5'-MONOPHOSPHATE 'C10 H15 N2 O8 P'
MLI non-polymer 'MALONATE ION' 'C3 H2 O4 -2'
NA non-polymer 'SODIUM ION' 'Na 1'
#
# COMPACT_ATOMS: atom_id res chain seq x y z
N MET A 1 10.22 -15.00 -2.42
CA MET A 1 10.05 -13.75 -1.63
C MET A 1 8.63 -13.27 -1.78
N GLU A 2 7.93 -13.08 -0.66
CA GLU A 2 6.60 -12.53 -0.69
C GLU A 2 6.58 -11.11 -0.13
N LEU A 3 5.44 -10.46 -0.24
CA LEU A 3 5.24 -9.12 0.32
C LEU A 3 5.39 -9.15 1.85
N ARG A 4 5.07 -10.29 2.46
CA ARG A 4 5.21 -10.45 3.90
C ARG A 4 6.62 -10.05 4.32
N HIS A 5 7.61 -10.51 3.57
CA HIS A 5 9.00 -10.21 3.92
C HIS A 5 9.28 -8.74 3.87
N LEU A 6 8.74 -8.05 2.87
CA LEU A 6 8.96 -6.60 2.75
C LEU A 6 8.19 -5.85 3.83
N ARG A 7 6.92 -6.17 3.98
CA ARG A 7 6.09 -5.52 5.00
C ARG A 7 6.71 -5.60 6.38
N TYR A 8 7.27 -6.76 6.71
CA TYR A 8 7.85 -6.98 8.01
C TYR A 8 9.20 -6.28 8.15
N PHE A 9 10.05 -6.46 7.15
CA PHE A 9 11.37 -5.84 7.16
C PHE A 9 11.28 -4.33 7.27
N VAL A 10 10.42 -3.73 6.46
CA VAL A 10 10.16 -2.29 6.51
C VAL A 10 9.78 -1.88 7.94
N ALA A 11 8.89 -2.64 8.57
CA ALA A 11 8.47 -2.32 9.95
C ALA A 11 9.63 -2.34 10.92
N VAL A 12 10.51 -3.34 10.79
CA VAL A 12 11.65 -3.46 11.68
C VAL A 12 12.56 -2.24 11.53
N VAL A 13 12.82 -1.85 10.29
CA VAL A 13 13.70 -0.73 10.01
C VAL A 13 13.07 0.58 10.49
N GLU A 14 11.77 0.75 10.29
CA GLU A 14 11.08 1.99 10.68
C GLU A 14 11.04 2.16 12.20
N GLU A 15 10.79 1.07 12.93
CA GLU A 15 10.70 1.12 14.39
C GLU A 15 12.03 0.82 15.06
N GLN A 16 13.07 0.63 14.26
CA GLN A 16 14.40 0.30 14.76
C GLN A 16 14.41 -0.78 15.85
N SER A 17 13.43 -1.69 15.82
CA SER A 17 13.42 -2.83 16.72
C SER A 17 12.45 -3.92 16.26
N PHE A 18 12.81 -5.17 16.53
CA PHE A 18 11.95 -6.30 16.20
C PHE A 18 10.72 -6.30 17.08
N THR A 19 10.93 -6.06 18.37
CA THR A 19 9.83 -6.08 19.33
C THR A 19 8.78 -5.03 19.02
N LYS A 20 9.20 -3.81 18.69
CA LYS A 20 8.25 -2.73 18.42
C LYS A 20 7.57 -2.93 17.08
N ALA A 21 8.34 -3.34 16.07
CA ALA A 21 7.77 -3.70 14.79
C ALA A 21 6.76 -4.84 14.97
N ALA A 22 7.08 -5.79 15.83
CA ALA A 22 6.18 -6.91 16.11
C ALA A 22 4.84 -6.39 16.63
N ASP A 23 4.91 -5.47 17.58
CA ASP A 23 3.71 -4.89 18.18
C ASP A 23 2.97 -3.99 17.22
N LYS A 24 3.69 -3.32 16.33
CA LYS A 24 3.07 -2.45 15.32
C LYS A 24 2.18 -3.25 14.38
N LEU A 25 2.65 -4.44 14.01
CA LEU A 25 1.95 -5.31 13.07
C LEU A 25 1.06 -6.34 13.76
N CYS A 26 1.12 -6.36 15.09
CA CYS A 26 0.31 -7.27 15.90
C CYS A 26 0.64 -8.73 15.64
N ILE A 27 1.94 -9.03 15.55
CA ILE A 27 2.42 -10.42 15.59
C ILE A 27 3.48 -10.59 16.67
N ALA A 28 3.78 -11.85 16.97
CA ALA A 28 4.81 -12.17 17.95
C ALA A 28 6.17 -11.84 17.37
N GLN A 29 7.13 -11.55 18.26
CA GLN A 29 8.45 -11.13 17.83
C GLN A 29 9.26 -12.26 17.19
N PRO A 30 9.16 -13.48 17.70
CA PRO A 30 9.92 -14.56 17.07
C PRO A 30 9.55 -14.87 15.61
N PRO A 31 8.26 -15.06 15.30
CA PRO A 31 7.95 -15.33 13.90
C PRO A 31 8.34 -14.19 12.96
N LEU A 32 8.47 -12.98 13.50
CA LEU A 32 8.97 -11.84 12.75
C LEU A 32 10.47 -11.99 12.52
N SER A 33 11.19 -12.42 13.56
CA SER A 33 12.62 -12.62 13.45
C SER A 33 12.93 -13.70 12.42
N ARG A 34 12.14 -14.77 12.42
CA ARG A 34 12.30 -15.85 11.46
C ARG A 34 12.09 -15.40 10.00
N GLN A 35 11.06 -14.58 9.77
CA GLN A 35 10.84 -14.05 8.43
C GLN A 35 12.04 -13.25 7.93
N ILE A 36 12.60 -12.40 8.79
CA ILE A 36 13.75 -11.58 8.40
C ILE A 36 14.97 -12.47 8.10
N GLN A 37 15.17 -13.53 8.90
CA GLN A 37 16.24 -14.51 8.60
C GLN A 37 16.04 -15.16 7.25
N ASN A 38 14.81 -15.59 6.98
CA ASN A 38 14.50 -16.24 5.73
C ASN A 38 14.76 -15.35 4.52
N LEU A 39 14.40 -14.08 4.66
CA LEU A 39 14.65 -13.11 3.62
C LEU A 39 16.13 -13.02 3.33
N GLU A 40 16.92 -12.91 4.39
CA GLU A 40 18.36 -12.73 4.26
C GLU A 40 19.04 -13.97 3.73
N GLU A 41 18.59 -15.13 4.20
CA GLU A 41 19.09 -16.42 3.71
C GLU A 41 18.72 -16.66 2.25
N GLU A 42 17.61 -16.09 1.80
CA GLU A 42 17.16 -16.24 0.42
C GLU A 42 18.01 -15.39 -0.52
N LEU A 43 18.16 -14.11 -0.16
CA LEU A 43 19.02 -13.18 -0.88
C LEU A 43 20.50 -13.54 -0.73
N GLY A 44 20.85 -14.08 0.43
CA GLY A 44 22.24 -14.35 0.76
C GLY A 44 22.93 -13.07 1.16
N ILE A 45 22.15 -12.14 1.69
CA ILE A 45 22.64 -10.81 2.04
C ILE A 45 22.18 -10.45 3.43
N GLN A 46 23.09 -9.96 4.25
CA GLN A 46 22.76 -9.47 5.57
C GLN A 46 22.25 -8.03 5.48
N LEU A 47 21.00 -7.83 5.87
CA LEU A 47 20.32 -6.55 5.76
C LEU A 47 20.35 -5.73 7.05
N LEU A 48 20.51 -6.40 8.19
CA LEU A 48 20.54 -5.72 9.48
C LEU A 48 21.75 -6.15 10.28
N GLU A 49 22.38 -5.17 10.95
CA GLU A 49 23.37 -5.44 11.98
C GLU A 49 22.61 -5.68 13.27
N ARG A 50 23.10 -6.61 14.08
CA ARG A 50 22.46 -6.91 15.37
C ARG A 50 23.38 -6.79 16.58
N GLY A 51 22.86 -6.08 17.60
CA GLY A 51 23.52 -5.94 18.90
C GLY A 51 24.89 -5.28 18.96
N SER A 52 25.02 -3.97 18.75
CA SER A 52 24.07 -3.05 18.11
C SER A 52 22.62 -2.98 18.63
N ARG A 53 22.42 -2.17 19.65
CA ARG A 53 21.08 -1.70 20.00
C ARG A 53 21.07 -0.19 19.85
N PRO A 54 20.10 0.36 19.08
CA PRO A 54 19.03 -0.31 18.37
C PRO A 54 19.54 -0.97 17.09
N VAL A 55 18.65 -1.62 16.34
CA VAL A 55 19.06 -2.29 15.10
C VAL A 55 19.29 -1.27 14.00
N LYS A 56 20.33 -1.50 13.22
CA LYS A 56 20.65 -0.63 12.10
C LYS A 56 20.80 -1.44 10.84
N THR A 57 20.37 -0.84 9.73
CA THR A 57 20.51 -1.46 8.43
C THR A 57 21.95 -1.40 8.00
N THR A 58 22.36 -2.44 7.28
CA THR A 58 23.64 -2.46 6.58
C THR A 58 23.46 -1.66 5.31
N PRO A 59 24.56 -1.24 4.68
CA PRO A 59 24.40 -0.46 3.46
C PRO A 59 23.47 -1.13 2.44
N GLU A 60 23.57 -2.46 2.34
CA GLU A 60 22.71 -3.23 1.45
C GLU A 60 21.26 -3.14 1.93
N GLY A 61 21.04 -3.36 3.21
CA GLY A 61 19.72 -3.26 3.82
C GLY A 61 19.09 -1.88 3.71
N HIS A 62 19.92 -0.85 3.71
CA HIS A 62 19.41 0.49 3.52
C HIS A 62 18.84 0.63 2.15
N PHE A 63 19.64 0.27 1.16
CA PHE A 63 19.18 0.31 -0.23
C PHE A 63 17.90 -0.49 -0.38
N PHE A 64 17.91 -1.69 0.17
CA PHE A 64 16.78 -2.58 0.06
C PHE A 64 15.52 -1.99 0.68
N TYR A 65 15.68 -1.28 1.79
CA TYR A 65 14.57 -0.63 2.49
C TYR A 65 13.97 0.49 1.62
N GLN A 66 14.84 1.35 1.09
CA GLN A 66 14.42 2.45 0.24
C GLN A 66 13.57 1.96 -0.91
N TYR A 67 13.93 0.79 -1.45
CA TYR A 67 13.22 0.23 -2.59
C TYR A 67 11.93 -0.40 -2.10
N ALA A 68 12.02 -1.18 -1.04
CA ALA A 68 10.86 -1.89 -0.49
C ALA A 68 9.66 -0.98 -0.22
N ILE A 69 9.89 0.24 0.27
CA ILE A 69 8.77 1.15 0.51
C ILE A 69 8.21 1.69 -0.79
N LYS A 70 9.07 1.94 -1.78
CA LYS A 70 8.58 2.29 -3.12
C LYS A 70 7.63 1.21 -3.61
N LEU A 71 8.04 -0.06 -3.47
CA LEU A 71 7.22 -1.17 -3.93
C LEU A 71 5.91 -1.23 -3.17
N LEU A 72 5.97 -1.18 -1.85
CA LEU A 72 4.76 -1.27 -1.04
C LEU A 72 3.84 -0.08 -1.28
N SER A 73 4.40 1.10 -1.48
CA SER A 73 3.56 2.27 -1.78
C SER A 73 2.86 2.05 -3.12
N ASN A 74 3.48 1.27 -4.00
CA ASN A 74 2.88 0.96 -5.29
C ASN A 74 1.79 -0.08 -5.25
N VAL A 75 1.94 -1.08 -4.37
CA VAL A 75 0.88 -2.05 -4.15
C VAL A 75 -0.38 -1.30 -3.73
N ASP A 76 -0.20 -0.28 -2.92
CA ASP A 76 -1.32 0.58 -2.54
C ASP A 76 -1.94 1.25 -3.75
N GLN A 77 -1.10 1.87 -4.58
CA GLN A 77 -1.59 2.55 -5.78
C GLN A 77 -2.31 1.57 -6.65
N MET A 78 -1.70 0.40 -6.86
CA MET A 78 -2.24 -0.62 -7.73
C MET A 78 -3.62 -1.05 -7.30
N VAL A 79 -3.74 -1.44 -6.04
CA VAL A 79 -5.00 -1.95 -5.53
C VAL A 79 -6.06 -0.87 -5.56
N SER A 80 -5.72 0.31 -5.05
CA SER A 80 -6.72 1.38 -4.94
C SER A 80 -7.21 1.83 -6.32
N MET A 81 -6.33 1.97 -7.30
CA MET A 81 -6.75 2.35 -8.65
C MET A 81 -7.53 1.25 -9.35
N THR A 82 -7.28 -0.01 -8.99
CA THR A 82 -8.05 -1.12 -9.54
C THR A 82 -9.48 -1.02 -9.03
N LYS A 83 -9.63 -0.82 -7.72
CA LYS A 83 -10.95 -0.68 -7.10
C LYS A 83 -11.73 0.51 -7.64
N ARG A 84 -11.04 1.58 -8.00
CA ARG A 84 -11.70 2.76 -8.53
C ARG A 84 -12.35 2.43 -9.87
N ILE A 85 -11.66 1.62 -10.66
CA ILE A 85 -12.13 1.20 -11.98
C ILE A 85 -13.33 0.27 -11.87
N ALA A 86 -13.31 -0.63 -10.90
CA ALA A 86 -14.43 -1.55 -10.68
C ALA A 86 -15.73 -0.78 -10.36
N SER A 87 -15.60 0.24 -9.51
CA SER A 87 -16.74 1.10 -9.14
C SER A 87 -17.07 2.06 -10.28
N GLY A 88 -17.98 1.63 -11.15
CA GLY A 88 -18.36 2.41 -12.32
C GLY A 88 -18.55 1.52 -13.54
N HIS A 89 -19.78 1.50 -14.06
CA HIS A 89 -20.14 0.72 -15.25
C HIS A 89 -21.18 1.45 -16.05
N MET B 1 -2.46 -10.42 0.61
CA MET B 1 -2.03 -10.69 -0.80
C MET B 1 -0.52 -10.76 -0.83
N GLU B 2 0.01 -11.67 -1.63
CA GLU B 2 1.44 -11.89 -1.68
C GLU B 2 1.91 -11.85 -3.11
N LEU B 3 3.22 -11.87 -3.32
CA LEU B 3 3.76 -11.86 -4.68
C LEU B 3 3.33 -13.11 -5.45
N ARG B 4 3.24 -14.25 -4.77
CA ARG B 4 2.82 -15.49 -5.42
C ARG B 4 1.49 -15.32 -6.15
N HIS B 5 0.54 -14.63 -5.54
CA HIS B 5 -0.77 -14.39 -6.16
C HIS B 5 -0.63 -13.62 -7.44
N LEU B 6 0.22 -12.60 -7.44
CA LEU B 6 0.47 -11.85 -8.66
C LEU B 6 1.08 -12.79 -9.69
N ARG B 7 2.14 -13.48 -9.29
CA ARG B 7 2.86 -14.37 -10.18
C ARG B 7 1.95 -15.41 -10.80
N TYR B 8 0.98 -15.90 -10.04
CA TYR B 8 0.00 -16.85 -10.54
C TYR B 8 -0.94 -16.20 -11.52
N PHE B 9 -1.60 -15.13 -11.08
CA PHE B 9 -2.49 -14.36 -11.94
C PHE B 9 -1.82 -14.10 -13.29
N VAL B 10 -0.61 -13.53 -13.26
CA VAL B 10 0.12 -13.25 -14.49
C VAL B 10 0.23 -14.49 -15.39
N ALA B 11 0.54 -15.64 -14.79
CA ALA B 11 0.68 -16.86 -15.57
C ALA B 11 -0.62 -17.20 -16.30
N VAL B 12 -1.73 -17.10 -15.58
CA VAL B 12 -3.03 -17.47 -16.14
C VAL B 12 -3.38 -16.55 -17.30
N VAL B 13 -3.23 -15.25 -17.09
CA VAL B 13 -3.53 -14.25 -18.10
C VAL B 13 -2.69 -14.50 -19.37
N GLU B 14 -1.40 -14.79 -19.18
CA GLU B 14 -0.49 -14.99 -20.32
C GLU B 14 -0.83 -16.25 -21.11
N GLU B 15 -0.97 -17.36 -20.40
CA GLU B 15 -1.39 -18.61 -21.00
C GLU B 15 -2.87 -18.61 -21.41
N GLN B 16 -3.64 -17.65 -20.89
CA GLN B 16 -5.09 -17.62 -21.09
C GLN B 16 -5.67 -18.98 -20.76
N SER B 17 -5.19 -19.57 -19.67
CA SER B 17 -5.46 -20.96 -19.35
C SER B 17 -4.94 -21.30 -17.97
N PHE B 18 -5.80 -21.88 -17.14
CA PHE B 18 -5.39 -22.32 -15.82
C PHE B 18 -4.50 -23.55 -15.92
N THR B 19 -4.92 -24.52 -16.73
CA THR B 19 -4.18 -25.79 -16.88
C THR B 19 -2.79 -25.61 -17.47
N LYS B 20 -2.65 -24.68 -18.42
CA LYS B 20 -1.33 -24.40 -19.01
C LYS B 20 -0.45 -23.64 -18.05
N ALA B 21 -1.03 -22.64 -17.40
CA ALA B 21 -0.31 -21.85 -16.41
C ALA B 21 0.13 -22.71 -15.25
N ALA B 22 -0.74 -23.62 -14.81
CA ALA B 22 -0.42 -24.52 -13.70
C ALA B 22 0.73 -25.46 -14.06
N ASP B 23 0.79 -25.86 -15.31
CA ASP B 23 1.87 -26.72 -15.78
C ASP B 23 3.21 -25.98 -15.76
N LYS B 24 3.17 -24.72 -16.17
CA LYS B 24 4.34 -23.86 -16.22
C LYS B 24 4.84 -23.53 -14.82
N LEU B 25 3.90 -23.31 -13.89
CA LEU B 25 4.23 -23.01 -12.50
C LEU B 25 4.57 -24.25 -11.66
N CYS B 26 4.41 -25.43 -12.24
CA CYS B 26 4.72 -26.69 -11.56
C CYS B 26 3.88 -26.90 -10.29
N ILE B 27 2.61 -26.48 -10.34
CA ILE B 27 1.62 -26.93 -9.35
C ILE B 27 0.38 -27.43 -10.09
N ALA B 28 -0.56 -28.05 -9.35
CA ALA B 28 -1.78 -28.56 -9.97
C ALA B 28 -2.76 -27.44 -10.31
N GLN B 29 -3.76 -27.74 -11.13
CA GLN B 29 -4.73 -26.73 -11.57
C GLN B 29 -5.65 -26.26 -10.43
N PRO B 30 -6.17 -27.19 -9.61
CA PRO B 30 -7.07 -26.75 -8.54
C PRO B 30 -6.48 -25.72 -7.58
N PRO B 31 -5.22 -25.91 -7.11
CA PRO B 31 -4.59 -24.88 -6.30
C PRO B 31 -4.59 -23.53 -6.99
N LEU B 32 -4.16 -23.50 -8.25
CA LEU B 32 -4.11 -22.26 -9.00
C LEU B 32 -5.46 -21.57 -9.00
N SER B 33 -6.54 -22.34 -9.26
CA SER B 33 -7.87 -21.77 -9.34
C SER B 33 -8.31 -21.14 -8.04
N ARG B 34 -8.06 -21.82 -6.92
CA ARG B 34 -8.40 -21.27 -5.59
C ARG B 34 -7.61 -20.01 -5.29
N GLN B 35 -6.29 -20.07 -5.53
CA GLN B 35 -5.42 -18.93 -5.28
C GLN B 35 -5.92 -17.70 -6.02
N ILE B 36 -6.35 -17.89 -7.26
CA ILE B 36 -6.90 -16.78 -8.04
C ILE B 36 -8.19 -16.33 -7.38
N GLN B 37 -9.05 -17.29 -7.05
CA GLN B 37 -10.31 -16.96 -6.38
C GLN B 37 -10.06 -16.14 -5.13
N ASN B 38 -9.10 -16.58 -4.33
CA ASN B 38 -8.75 -15.88 -3.10
C ASN B 38 -8.30 -14.46 -3.38
N LEU B 39 -7.45 -14.27 -4.38
CA LEU B 39 -6.99 -12.94 -4.79
C LEU B 39 -8.16 -12.05 -5.18
N GLU B 40 -9.12 -12.62 -5.89
CA GLU B 40 -10.27 -11.84 -6.31
C GLU B 40 -11.10 -11.45 -5.10
N GLU B 41 -11.33 -12.41 -4.22
CA GLU B 41 -12.19 -12.19 -3.06
C GLU B 41 -11.58 -11.20 -2.09
N GLU B 42 -10.27 -11.29 -1.93
CA GLU B 42 -9.51 -10.41 -1.07
C GLU B 42 -9.56 -8.95 -1.53
N LEU B 43 -9.57 -8.73 -2.84
CA LEU B 43 -9.69 -7.40 -3.40
C LEU B 43 -11.17 -7.03 -3.61
N GLY B 44 -12.02 -8.04 -3.69
CA GLY B 44 -13.44 -7.81 -3.88
C GLY B 44 -13.77 -7.34 -5.28
N ILE B 45 -12.92 -7.67 -6.24
CA ILE B 45 -13.23 -7.39 -7.64
C ILE B 45 -12.95 -8.63 -8.49
N GLN B 46 -13.68 -8.73 -9.60
CA GLN B 46 -13.48 -9.82 -10.53
C GLN B 46 -12.40 -9.45 -11.53
N LEU B 47 -11.34 -10.26 -11.59
CA LEU B 47 -10.22 -10.02 -12.49
C LEU B 47 -10.35 -10.76 -13.82
N LEU B 48 -11.07 -11.88 -13.82
CA LEU B 48 -11.14 -12.76 -14.99
C LEU B 48 -12.56 -13.04 -15.51
N GLU B 49 -12.61 -13.42 -16.78
CA GLU B 49 -13.85 -13.70 -17.47
C GLU B 49 -14.17 -15.20 -17.39
N ARG B 50 -15.02 -15.55 -16.43
CA ARG B 50 -15.54 -16.90 -16.30
C ARG B 50 -16.80 -16.94 -17.13
N GLY B 51 -17.02 -18.04 -17.85
CA GLY B 51 -18.15 -18.16 -18.79
C GLY B 51 -17.64 -18.23 -20.22
N SER B 52 -16.50 -17.60 -20.46
CA SER B 52 -15.76 -17.72 -21.72
C SER B 52 -14.47 -18.52 -21.47
N ARG B 53 -14.11 -19.37 -22.43
CA ARG B 53 -13.00 -20.30 -22.25
C ARG B 53 -11.62 -19.73 -22.60
N PRO B 54 -11.42 -19.25 -23.84
CA PRO B 54 -10.15 -18.54 -24.04
C PRO B 54 -10.05 -17.45 -22.96
N VAL B 55 -9.53 -17.83 -21.81
CA VAL B 55 -9.76 -17.09 -20.57
C VAL B 55 -9.19 -15.69 -20.67
N LYS B 56 -10.04 -14.72 -20.37
CA LYS B 56 -9.80 -13.33 -20.67
C LYS B 56 -9.90 -12.51 -19.39
N THR B 57 -9.21 -11.39 -19.38
CA THR B 57 -9.31 -10.46 -18.28
C THR B 57 -10.52 -9.55 -18.44
N THR B 58 -11.10 -9.21 -17.31
CA THR B 58 -12.03 -8.10 -17.19
C THR B 58 -11.23 -6.81 -17.32
N PRO B 59 -11.89 -5.69 -17.63
CA PRO B 59 -11.18 -4.40 -17.69
C PRO B 59 -10.35 -4.10 -16.43
N GLU B 60 -10.92 -4.35 -15.25
CA GLU B 60 -10.21 -4.16 -13.99
C GLU B 60 -9.01 -5.10 -13.97
N GLY B 61 -9.27 -6.37 -14.22
CA GLY B 61 -8.23 -7.39 -14.26
C GLY B 61 -7.11 -7.06 -15.22
N HIS B 62 -7.46 -6.48 -16.36
CA HIS B 62 -6.44 -6.08 -17.34
C HIS B 62 -5.51 -5.05 -16.79
N PHE B 63 -6.07 -4.01 -16.16
CA PHE B 63 -5.26 -2.96 -15.55
C PHE B 63 -4.35 -3.55 -14.48
N PHE B 64 -4.94 -4.37 -13.63
CA PHE B 64 -4.24 -5.07 -12.57
C PHE B 64 -3.10 -5.90 -13.12
N TYR B 65 -3.34 -6.59 -14.22
CA TYR B 65 -2.32 -7.40 -14.85
C TYR B 65 -1.14 -6.55 -15.29
N GLN B 66 -1.42 -5.44 -15.97
CA GLN B 66 -0.36 -4.55 -16.46
C GLN B 66 0.45 -3.94 -15.33
N TYR B 67 -0.22 -3.61 -14.23
CA TYR B 67 0.47 -3.08 -13.06
C TYR B 67 1.36 -4.18 -12.49
N ALA B 68 0.80 -5.37 -12.33
CA ALA B 68 1.50 -6.48 -11.68
C ALA B 68 2.84 -6.76 -12.35
N ILE B 69 2.85 -6.75 -13.68
CA ILE B 69 4.07 -7.02 -14.42
C ILE B 69 5.16 -6.00 -14.09
N LYS B 70 4.81 -4.72 -14.01
CA LYS B 70 5.78 -3.70 -13.63
C LYS B 70 6.26 -3.95 -12.22
N LEU B 71 5.32 -4.28 -11.34
CA LEU B 71 5.65 -4.51 -9.94
C LEU B 71 6.63 -5.66 -9.81
N LEU B 72 6.27 -6.80 -10.37
CA LEU B 72 7.13 -7.98 -10.29
C LEU B 72 8.50 -7.73 -10.89
N SER B 73 8.55 -6.91 -11.95
CA SER B 73 9.81 -6.54 -12.60
C SER B 73 10.67 -5.70 -11.67
N ASN B 74 10.06 -4.73 -11.00
CA ASN B 74 10.77 -3.93 -10.02
C ASN B 74 11.24 -4.72 -8.83
N VAL B 75 10.53 -5.80 -8.48
CA VAL B 75 11.01 -6.68 -7.42
C VAL B 75 12.32 -7.32 -7.85
N ASP B 76 12.36 -7.81 -9.09
CA ASP B 76 13.58 -8.41 -9.62
C ASP B 76 14.71 -7.39 -9.65
N GLN B 77 14.41 -6.19 -10.12
CA GLN B 77 15.40 -5.12 -10.21
C GLN B 77 15.98 -4.78 -8.83
N MET B 78 15.13 -4.72 -7.82
CA MET B 78 15.57 -4.46 -6.46
C MET B 78 16.55 -5.54 -6.03
N VAL B 79 16.16 -6.78 -6.20
CA VAL B 79 16.99 -7.89 -5.75
C VAL B 79 18.31 -7.91 -6.53
N SER B 80 18.21 -7.71 -7.83
CA SER B 80 19.36 -7.75 -8.68
C SER B 80 20.35 -6.65 -8.29
N MET B 81 19.84 -5.46 -8.02
CA MET B 81 20.67 -4.33 -7.61
C MET B 81 21.28 -4.56 -6.23
N THR B 82 20.48 -5.03 -5.28
CA THR B 82 20.96 -5.29 -3.93
C THR B 82 22.13 -6.26 -3.93
N LYS B 83 22.00 -7.34 -4.69
CA LYS B 83 23.10 -8.31 -4.88
C LYS B 83 24.34 -7.69 -5.51
N ARG B 84 24.14 -6.86 -6.52
CA ARG B 84 25.26 -6.16 -7.16
C ARG B 84 26.01 -5.39 -6.09
N ILE B 85 25.29 -4.61 -5.29
CA ILE B 85 25.88 -3.89 -4.16
C ILE B 85 26.57 -4.88 -3.24
N ALA B 86 25.83 -5.90 -2.79
CA ALA B 86 26.34 -6.84 -1.78
C ALA B 86 27.59 -7.59 -2.22
N SER B 87 27.75 -7.78 -3.52
CA SER B 87 28.97 -8.38 -4.03
C SER B 87 30.11 -7.40 -4.05
N GLY B 88 29.86 -6.13 -3.75
CA GLY B 88 30.90 -5.12 -3.75
C GLY B 88 31.38 -4.76 -5.15
N HIS B 89 30.49 -4.95 -6.12
CA HIS B 89 30.74 -4.54 -7.48
C HIS B 89 29.72 -3.49 -7.78
N HIS B 90 29.60 -2.51 -6.89
CA HIS B 90 28.65 -1.42 -7.06
C HIS B 90 29.10 -0.47 -8.14
N HIS B 91 28.16 -0.04 -8.98
CA HIS B 91 28.35 1.20 -9.75
C HIS B 91 27.23 2.16 -9.41
N HIS B 92 26.99 2.28 -8.10
CA HIS B 92 25.98 3.17 -7.54
C HIS B 92 26.62 4.14 -6.59
N HIS B 93 27.34 5.11 -7.14
CA HIS B 93 28.10 6.09 -6.36
C HIS B 93 28.84 5.43 -5.22
N MET C 1 -6.77 17.33 2.36
CA MET C 1 -5.87 16.36 1.68
C MET C 1 -6.34 14.93 1.90
N GLU C 2 -6.35 14.15 0.83
CA GLU C 2 -6.77 12.75 0.93
C GLU C 2 -5.70 11.87 0.30
N LEU C 3 -5.84 10.57 0.48
CA LEU C 3 -4.88 9.61 -0.06
C LEU C 3 -4.77 9.72 -1.58
N ARG C 4 -5.84 10.12 -2.25
CA ARG C 4 -5.78 10.36 -3.69
C ARG C 4 -4.63 11.30 -4.03
N HIS C 5 -4.52 12.41 -3.31
CA HIS C 5 -3.48 13.41 -3.55
C HIS C 5 -2.09 12.81 -3.49
N LEU C 6 -1.83 12.07 -2.42
CA LEU C 6 -0.53 11.43 -2.23
C LEU C 6 -0.29 10.41 -3.33
N ARG C 7 -1.29 9.58 -3.60
CA ARG C 7 -1.19 8.53 -4.61
C ARG C 7 -0.83 9.10 -5.97
N TYR C 8 -1.57 10.14 -6.37
CA TYR C 8 -1.40 10.76 -7.66
C TYR C 8 -0.05 11.47 -7.76
N PHE C 9 0.34 12.14 -6.69
CA PHE C 9 1.58 12.91 -6.67
C PHE C 9 2.80 12.00 -6.77
N VAL C 10 2.80 10.94 -5.97
CA VAL C 10 3.84 9.93 -6.02
C VAL C 10 3.99 9.33 -7.41
N ALA C 11 2.88 9.11 -8.10
CA ALA C 11 2.93 8.56 -9.46
C ALA C 11 3.64 9.52 -10.43
N VAL C 12 3.32 10.79 -10.32
CA VAL C 12 3.89 11.79 -11.22
C VAL C 12 5.38 11.95 -11.00
N VAL C 13 5.81 11.89 -9.75
CA VAL C 13 7.24 11.95 -9.40
C VAL C 13 7.96 10.71 -9.91
N GLU C 14 7.43 9.53 -9.60
CA GLU C 14 8.05 8.26 -10.02
C GLU C 14 8.16 8.14 -11.54
N GLU C 15 7.14 8.58 -12.26
CA GLU C 15 7.12 8.49 -13.72
C GLU C 15 7.76 9.69 -14.41
N GLN C 16 7.95 10.77 -13.64
CA GLN C 16 8.50 12.03 -14.14
C GLN C 16 7.68 12.66 -15.26
N SER C 17 6.38 12.41 -15.27
CA SER C 17 5.47 13.06 -16.20
C SER C 17 4.04 12.86 -15.77
N PHE C 18 3.22 13.87 -16.03
CA PHE C 18 1.79 13.79 -15.74
C PHE C 18 1.14 12.75 -16.63
N THR C 19 1.53 12.73 -17.90
CA THR C 19 0.91 11.84 -18.89
C THR C 19 1.14 10.36 -18.60
N LYS C 20 2.39 9.96 -18.39
CA LYS C 20 2.70 8.56 -18.05
C LYS C 20 2.08 8.14 -16.72
N ALA C 21 2.04 9.07 -15.76
CA ALA C 21 1.42 8.82 -14.45
C ALA C 21 -0.06 8.56 -14.63
N ALA C 22 -0.73 9.42 -15.39
CA ALA C 22 -2.14 9.22 -15.71
C ALA C 22 -2.34 7.87 -16.37
N ASP C 23 -1.44 7.55 -17.29
CA ASP C 23 -1.47 6.26 -17.96
C ASP C 23 -1.32 5.12 -16.94
N LYS C 24 -0.40 5.30 -15.99
CA LYS C 24 -0.09 4.29 -14.97
C LYS C 24 -1.29 4.02 -14.06
N LEU C 25 -1.97 5.10 -13.67
CA LEU C 25 -3.12 5.02 -12.77
C LEU C 25 -4.45 4.89 -13.51
N CYS C 26 -4.40 4.90 -14.84
CA CYS C 26 -5.60 4.74 -15.68
C CYS C 26 -6.62 5.84 -15.44
N ILE C 27 -6.14 7.08 -15.40
CA ILE C 27 -7.03 8.25 -15.48
C ILE C 27 -6.55 9.21 -16.57
N ALA C 28 -7.39 10.19 -16.87
CA ALA C 28 -7.04 11.22 -17.81
C ALA C 28 -6.02 12.17 -17.18
N GLN C 29 -5.19 12.78 -18.03
CA GLN C 29 -4.11 13.68 -17.59
C GLN C 29 -4.59 15.00 -17.00
N PRO C 30 -5.65 15.61 -17.57
CA PRO C 30 -6.17 16.86 -17.01
C PRO C 30 -6.69 16.77 -15.56
N PRO C 31 -7.56 15.79 -15.26
CA PRO C 31 -7.99 15.71 -13.85
C PRO C 31 -6.83 15.44 -12.90
N LEU C 32 -5.85 14.67 -13.36
CA LEU C 32 -4.67 14.38 -12.56
C LEU C 32 -3.98 15.70 -12.24
N SER C 33 -3.64 16.44 -13.29
CA SER C 33 -2.96 17.72 -13.14
C SER C 33 -3.72 18.64 -12.19
N ARG C 34 -5.05 18.55 -12.25
CA ARG C 34 -5.94 19.37 -11.43
C ARG C 34 -5.84 18.99 -9.95
N GLN C 35 -5.81 17.69 -9.67
CA GLN C 35 -5.66 17.20 -8.29
C GLN C 35 -4.35 17.64 -7.68
N ILE C 36 -3.31 17.71 -8.51
CA ILE C 36 -1.98 18.09 -8.05
C ILE C 36 -1.95 19.58 -7.71
N GLN C 37 -2.67 20.37 -8.49
CA GLN C 37 -2.78 21.80 -8.21
C GLN C 37 -3.52 22.03 -6.91
N ASN C 38 -4.60 21.27 -6.69
CA ASN C 38 -5.35 21.37 -5.44
C ASN C 38 -4.50 21.04 -4.23
N LEU C 39 -3.62 20.05 -4.39
CA LEU C 39 -2.70 19.65 -3.35
C LEU C 39 -1.75 20.79 -3.01
N GLU C 40 -1.17 21.38 -4.06
CA GLU C 40 -0.27 22.51 -3.90
C GLU C 40 -1.00 23.74 -3.38
N GLU C 41 -2.22 23.93 -3.84
CA GLU C 41 -3.05 25.07 -3.42
C GLU C 41 -3.44 24.96 -1.95
N GLU C 42 -3.56 23.72 -1.46
CA GLU C 42 -3.91 23.48 -0.06
C GLU C 42 -2.72 23.72 0.86
N LEU C 43 -1.56 23.19 0.47
CA LEU C 43 -0.33 23.39 1.23
C LEU C 43 0.17 24.81 1.05
N GLY C 44 -0.16 25.40 -0.09
CA GLY C 44 0.29 26.74 -0.44
C GLY C 44 1.75 26.80 -0.84
N ILE C 45 2.28 25.68 -1.33
CA ILE C 45 3.69 25.58 -1.72
C ILE C 45 3.85 24.77 -3.00
N GLN C 46 4.78 25.19 -3.84
CA GLN C 46 5.00 24.56 -5.15
C GLN C 46 5.86 23.31 -5.01
N LEU C 47 5.29 22.15 -5.37
CA LEU C 47 5.97 20.86 -5.27
C LEU C 47 6.72 20.48 -6.55
N LEU C 48 6.14 20.78 -7.71
CA LEU C 48 6.73 20.40 -9.01
C LEU C 48 7.13 21.61 -9.85
N GLU C 49 8.13 21.39 -10.69
CA GLU C 49 8.67 22.39 -11.58
C GLU C 49 8.26 22.04 -13.00
N ARG C 50 7.35 22.83 -13.58
CA ARG C 50 6.88 22.60 -14.95
C ARG C 50 7.70 23.39 -15.97
N GLY C 51 7.30 23.33 -17.24
CA GLY C 51 7.90 24.13 -18.31
C GLY C 51 9.30 23.68 -18.68
N SER C 52 9.57 22.40 -18.41
CA SER C 52 10.91 21.85 -18.51
C SER C 52 10.80 20.33 -18.38
N ARG C 53 10.98 19.63 -19.50
CA ARG C 53 10.89 18.17 -19.51
C ARG C 53 12.25 17.56 -19.18
N PRO C 54 12.28 16.51 -18.33
CA PRO C 54 11.12 15.93 -17.66
C PRO C 54 10.74 16.76 -16.44
N VAL C 55 9.58 16.48 -15.87
CA VAL C 55 9.11 17.21 -14.70
C VAL C 55 9.87 16.71 -13.47
N LYS C 56 10.24 17.63 -12.59
CA LYS C 56 11.02 17.28 -11.40
C LYS C 56 10.60 18.06 -10.15
N THR C 57 10.94 17.48 -9.00
CA THR C 57 10.48 17.98 -7.71
C THR C 57 11.31 19.15 -7.18
N THR C 58 10.61 20.17 -6.68
CA THR C 58 11.23 21.23 -5.89
C THR C 58 11.69 20.65 -4.55
N PRO C 59 12.62 21.33 -3.85
CA PRO C 59 13.13 20.84 -2.57
C PRO C 59 12.03 20.30 -1.64
N GLU C 60 10.97 21.09 -1.46
CA GLU C 60 9.84 20.66 -0.63
C GLU C 60 9.07 19.52 -1.29
N GLY C 61 8.94 19.58 -2.61
CA GLY C 61 8.32 18.49 -3.35
C GLY C 61 9.05 17.17 -3.11
N HIS C 62 10.37 17.26 -3.03
CA HIS C 62 11.17 16.05 -2.84
C HIS C 62 10.94 15.49 -1.48
N PHE C 63 11.01 16.34 -0.46
CA PHE C 63 10.79 15.90 0.91
C PHE C 63 9.42 15.28 1.07
N PHE C 64 8.42 15.96 0.53
CA PHE C 64 7.04 15.49 0.56
C PHE C 64 6.90 14.12 -0.11
N TYR C 65 7.56 13.92 -1.24
CA TYR C 65 7.54 12.63 -1.91
C TYR C 65 8.10 11.53 -1.00
N GLN C 66 9.23 11.80 -0.35
CA GLN C 66 9.86 10.81 0.52
C GLN C 66 8.90 10.40 1.63
N TYR C 67 8.29 11.38 2.27
CA TYR C 67 7.33 11.13 3.33
C TYR C 67 6.12 10.39 2.76
N ALA C 68 5.68 10.80 1.58
CA ALA C 68 4.45 10.26 0.99
C ALA C 68 4.52 8.76 0.74
N ILE C 69 5.60 8.28 0.14
CA ILE C 69 5.76 6.83 -0.10
C ILE C 69 5.84 6.08 1.23
N LYS C 70 6.42 6.71 2.24
CA LYS C 70 6.46 6.13 3.58
C LYS C 70 5.02 5.89 4.05
N LEU C 71 4.19 6.93 4.02
CA LEU C 71 2.80 6.82 4.46
C LEU C 71 2.01 5.78 3.69
N LEU C 72 2.16 5.77 2.37
CA LEU C 72 1.43 4.80 1.56
C LEU C 72 1.91 3.37 1.82
N SER C 73 3.19 3.17 2.12
CA SER C 73 3.64 1.83 2.49
C SER C 73 2.99 1.44 3.82
N ASN C 74 2.76 2.41 4.71
CA ASN C 74 2.07 2.14 5.97
C ASN C 74 0.61 1.80 5.77
N VAL C 75 -0.07 2.51 4.89
CA VAL C 75 -1.45 2.16 4.55
C VAL C 75 -1.51 0.70 4.11
N ASP C 76 -0.51 0.27 3.35
CA ASP C 76 -0.42 -1.12 2.95
C ASP C 76 -0.26 -2.06 4.14
N GLN C 77 0.63 -1.71 5.07
CA GLN C 77 0.84 -2.53 6.25
C GLN C 77 -0.45 -2.59 7.06
N MET C 78 -1.01 -1.42 7.33
CA MET C 78 -2.24 -1.32 8.12
C MET C 78 -3.33 -2.26 7.58
N VAL C 79 -3.61 -2.16 6.29
CA VAL C 79 -4.72 -2.89 5.70
C VAL C 79 -4.44 -4.39 5.69
N SER C 80 -3.27 -4.77 5.22
CA SER C 80 -2.95 -6.19 5.11
C SER C 80 -2.90 -6.88 6.48
N MET C 81 -2.40 -6.17 7.49
CA MET C 81 -2.25 -6.76 8.82
C MET C 81 -3.56 -6.77 9.59
N THR C 82 -4.45 -5.86 9.23
CA THR C 82 -5.83 -5.88 9.72
C THR C 82 -6.51 -7.09 9.12
N LYS C 83 -6.35 -7.26 7.82
CA LYS C 83 -6.94 -8.39 7.11
C LYS C 83 -6.50 -9.72 7.72
N ARG C 84 -5.25 -9.80 8.16
CA ARG C 84 -4.75 -11.04 8.73
C ARG C 84 -5.49 -11.35 10.02
N ILE C 85 -5.65 -10.34 10.87
CA ILE C 85 -6.33 -10.51 12.15
C ILE C 85 -7.76 -11.00 11.94
N ALA C 86 -8.43 -10.52 10.90
CA ALA C 86 -9.81 -10.93 10.61
C ALA C 86 -9.91 -12.44 10.36
N SER C 87 -9.04 -12.97 9.49
CA SER C 87 -9.04 -14.39 9.18
C SER C 87 -8.53 -15.22 10.35
N GLY C 88 -9.03 -16.44 10.48
CA GLY C 88 -8.83 -17.23 11.69
C GLY C 88 -9.74 -16.72 12.79
N HIS C 89 -9.61 -17.26 13.99
CA HIS C 89 -10.39 -16.80 15.14
C HIS C 89 -9.58 -16.72 16.40
N HIS C 90 -9.98 -15.77 17.26
CA HIS C 90 -9.08 -15.16 18.25
C HIS C 90 -9.83 -14.72 19.47
N MET D 1 -9.98 4.05 -0.58
CA MET D 1 -10.14 4.52 0.83
C MET D 1 -9.41 5.84 0.97
N GLU D 2 -10.06 6.82 1.58
CA GLU D 2 -9.43 8.12 1.75
C GLU D 2 -9.14 8.36 3.21
N LEU D 3 -8.52 9.48 3.52
CA LEU D 3 -8.28 9.86 4.91
C LEU D 3 -9.60 10.22 5.57
N ARG D 4 -10.48 10.88 4.82
CA ARG D 4 -11.80 11.23 5.34
C ARG D 4 -12.44 10.02 6.01
N HIS D 5 -12.34 8.85 5.37
CA HIS D 5 -12.87 7.61 5.94
C HIS D 5 -12.27 7.29 7.29
N LEU D 6 -10.95 7.44 7.40
CA LEU D 6 -10.27 7.18 8.67
C LEU D 6 -10.64 8.22 9.72
N ARG D 7 -10.72 9.48 9.32
CA ARG D 7 -11.07 10.55 10.26
C ARG D 7 -12.42 10.32 10.89
N TYR D 8 -13.34 9.81 10.07
CA TYR D 8 -14.70 9.48 10.50
C TYR D 8 -14.71 8.28 11.43
N PHE D 9 -14.08 7.19 10.98
CA PHE D 9 -14.02 5.99 11.79
C PHE D 9 -13.41 6.29 13.15
N VAL D 10 -12.38 7.13 13.16
CA VAL D 10 -11.75 7.56 14.40
C VAL D 10 -12.74 8.31 15.28
N ALA D 11 -13.48 9.24 14.68
CA ALA D 11 -14.49 10.00 15.42
C ALA D 11 -15.55 9.11 16.06
N VAL D 12 -16.05 8.13 15.31
CA VAL D 12 -17.07 7.21 15.81
C VAL D 12 -16.56 6.36 16.97
N VAL D 13 -15.39 5.75 16.79
CA VAL D 13 -14.80 4.92 17.84
C VAL D 13 -14.64 5.73 19.11
N GLU D 14 -13.97 6.88 19.00
CA GLU D 14 -13.70 7.74 20.17
C GLU D 14 -14.98 8.09 20.91
N GLU D 15 -15.97 8.50 20.15
CA GLU D 15 -17.23 9.02 20.68
C GLU D 15 -18.19 7.89 21.09
N GLN D 16 -17.97 6.70 20.52
CA GLN D 16 -18.81 5.52 20.75
C GLN D 16 -20.26 5.66 20.25
N SER D 17 -20.47 6.60 19.34
CA SER D 17 -21.80 6.87 18.80
C SER D 17 -21.72 7.52 17.42
N PHE D 18 -22.56 7.04 16.50
CA PHE D 18 -22.65 7.65 15.17
C PHE D 18 -23.23 9.05 15.26
N THR D 19 -24.32 9.20 16.00
CA THR D 19 -24.99 10.49 16.15
C THR D 19 -24.05 11.56 16.73
N LYS D 20 -23.32 11.22 17.79
CA LYS D 20 -22.42 12.17 18.46
C LYS D 20 -21.22 12.52 17.58
N ALA D 21 -20.62 11.50 16.97
CA ALA D 21 -19.52 11.71 16.05
C ALA D 21 -19.94 12.62 14.90
N ALA D 22 -21.13 12.38 14.34
CA ALA D 22 -21.64 13.21 13.26
C ALA D 22 -21.76 14.67 13.67
N ASP D 23 -22.19 14.92 14.90
CA ASP D 23 -22.28 16.29 15.43
C ASP D 23 -20.89 16.92 15.53
N LYS D 24 -19.92 16.14 15.96
CA LYS D 24 -18.54 16.60 16.07
C LYS D 24 -17.92 16.84 14.69
N LEU D 25 -18.35 16.06 13.70
CA LEU D 25 -17.87 16.19 12.33
C LEU D 25 -18.68 17.22 11.52
N CYS D 26 -19.68 17.83 12.14
CA CYS D 26 -20.55 18.78 11.45
C CYS D 26 -21.14 18.21 10.15
N ILE D 27 -21.59 16.97 10.23
CA ILE D 27 -22.39 16.36 9.18
C ILE D 27 -23.59 15.63 9.80
N ALA D 28 -24.45 15.08 8.96
CA ALA D 28 -25.58 14.28 9.43
C ALA D 28 -25.14 12.85 9.76
N GLN D 29 -26.01 12.10 10.45
CA GLN D 29 -25.72 10.71 10.84
C GLN D 29 -25.77 9.72 9.66
N PRO D 30 -26.80 9.78 8.80
CA PRO D 30 -26.88 8.80 7.71
C PRO D 30 -25.70 8.81 6.71
N PRO D 31 -25.16 9.99 6.37
CA PRO D 31 -23.94 9.96 5.56
C PRO D 31 -22.79 9.25 6.27
N LEU D 32 -22.62 9.54 7.56
CA LEU D 32 -21.59 8.88 8.36
C LEU D 32 -21.75 7.36 8.28
N SER D 33 -22.93 6.87 8.58
CA SER D 33 -23.20 5.43 8.61
C SER D 33 -22.85 4.72 7.30
N ARG D 34 -23.12 5.37 6.18
CA ARG D 34 -22.79 4.81 4.86
C ARG D 34 -21.29 4.78 4.66
N GLN D 35 -20.68 5.95 4.81
CA GLN D 35 -19.23 6.12 4.72
C GLN D 35 -18.47 4.99 5.44
N ILE D 36 -18.92 4.67 6.65
CA ILE D 36 -18.32 3.61 7.48
C ILE D 36 -18.60 2.23 6.89
N GLN D 37 -19.80 2.01 6.38
CA GLN D 37 -20.16 0.73 5.77
C GLN D 37 -19.33 0.49 4.53
N ASN D 38 -19.08 1.58 3.81
CA ASN D 38 -18.28 1.53 2.59
C ASN D 38 -16.86 1.16 2.91
N LEU D 39 -16.28 1.85 3.89
CA LEU D 39 -14.95 1.52 4.38
C LEU D 39 -14.84 0.03 4.72
N GLU D 40 -15.86 -0.49 5.41
CA GLU D 40 -15.88 -1.90 5.81
C GLU D 40 -16.08 -2.82 4.62
N GLU D 41 -16.97 -2.44 3.69
CA GLU D 41 -17.23 -3.26 2.51
C GLU D 41 -16.01 -3.28 1.59
N GLU D 42 -15.29 -2.17 1.56
CA GLU D 42 -14.10 -2.00 0.74
C GLU D 42 -12.92 -2.84 1.26
N LEU D 43 -12.63 -2.71 2.56
CA LEU D 43 -11.64 -3.57 3.22
C LEU D 43 -12.11 -5.02 3.29
N GLY D 44 -13.41 -5.23 3.32
CA GLY D 44 -13.99 -6.57 3.36
C GLY D 44 -13.94 -7.20 4.75
N ILE D 45 -13.79 -6.38 5.78
CA ILE D 45 -13.85 -6.85 7.17
C ILE D 45 -14.72 -5.92 8.01
N GLN D 46 -15.22 -6.47 9.12
CA GLN D 46 -16.10 -5.74 10.02
C GLN D 46 -15.25 -5.04 11.08
N LEU D 47 -15.32 -3.71 11.12
CA LEU D 47 -14.53 -2.91 12.05
C LEU D 47 -15.26 -2.64 13.35
N LEU D 48 -16.59 -2.58 13.30
CA LEU D 48 -17.39 -2.20 14.46
C LEU D 48 -18.30 -3.33 14.89
N GLU D 49 -18.62 -3.32 16.18
CA GLU D 49 -19.53 -4.29 16.75
C GLU D 49 -20.95 -3.78 16.54
N ARG D 50 -21.56 -4.21 15.44
CA ARG D 50 -22.98 -3.97 15.22
C ARG D 50 -23.72 -5.09 15.92
N GLY D 51 -24.88 -4.78 16.50
CA GLY D 51 -25.65 -5.75 17.29
C GLY D 51 -25.59 -5.43 18.77
N SER D 52 -24.64 -4.58 19.14
CA SER D 52 -24.55 -4.04 20.49
C SER D 52 -24.41 -2.52 20.40
N ARG D 53 -25.06 -1.80 21.31
CA ARG D 53 -24.98 -0.34 21.33
C ARG D 53 -23.69 0.09 22.06
N PRO D 54 -23.73 1.04 23.01
CA PRO D 54 -22.52 1.84 23.21
C PRO D 54 -21.39 1.47 22.24
N VAL D 55 -21.62 1.73 20.95
CA VAL D 55 -20.91 1.05 19.86
C VAL D 55 -19.39 1.01 20.07
N LYS D 56 -18.81 -0.16 19.80
CA LYS D 56 -17.38 -0.36 20.00
C LYS D 56 -16.74 -1.31 18.99
N THR D 57 -15.41 -1.37 19.00
CA THR D 57 -14.67 -2.02 17.93
C THR D 57 -14.53 -3.52 18.07
N THR D 58 -14.68 -4.21 16.94
CA THR D 58 -14.20 -5.58 16.79
C THR D 58 -12.69 -5.54 17.02
N PRO D 59 -12.08 -6.68 17.35
CA PRO D 59 -10.62 -6.68 17.54
C PRO D 59 -9.86 -6.20 16.30
N GLU D 60 -10.37 -6.52 15.11
CA GLU D 60 -9.82 -5.99 13.85
C GLU D 60 -9.90 -4.47 13.87
N GLY D 61 -11.09 -3.95 14.13
CA GLY D 61 -11.33 -2.52 14.16
C GLY D 61 -10.47 -1.78 15.17
N HIS D 62 -10.20 -2.45 16.28
CA HIS D 62 -9.37 -1.87 17.31
C HIS D 62 -7.96 -1.67 16.82
N PHE D 63 -7.42 -2.67 16.12
CA PHE D 63 -6.08 -2.56 15.54
C PHE D 63 -6.09 -1.45 14.49
N PHE D 64 -7.06 -1.54 13.59
CA PHE D 64 -7.22 -0.53 12.55
C PHE D 64 -7.30 0.87 13.15
N TYR D 65 -8.15 1.03 14.17
CA TYR D 65 -8.26 2.30 14.88
C TYR D 65 -6.89 2.81 15.34
N GLN D 66 -6.17 2.03 16.13
CA GLN D 66 -4.89 2.47 16.65
C GLN D 66 -3.93 2.87 15.55
N TYR D 67 -3.87 2.09 14.48
CA TYR D 67 -3.00 2.41 13.34
C TYR D 67 -3.44 3.74 12.73
N ALA D 68 -4.73 3.86 12.45
CA ALA D 68 -5.30 5.07 11.84
C ALA D 68 -4.91 6.35 12.57
N ILE D 69 -4.91 6.34 13.90
CA ILE D 69 -4.52 7.53 14.67
C ILE D 69 -3.10 7.97 14.28
N LYS D 70 -2.17 7.03 14.29
CA LYS D 70 -0.76 7.31 13.98
C LYS D 70 -0.63 7.81 12.55
N LEU D 71 -1.37 7.19 11.64
CA LEU D 71 -1.32 7.55 10.25
C LEU D 71 -1.77 8.99 10.05
N LEU D 72 -2.89 9.35 10.66
CA LEU D 72 -3.43 10.71 10.55
C LEU D 72 -2.49 11.72 11.18
N SER D 73 -1.86 11.32 12.28
CA SER D 73 -0.90 12.16 12.98
C SER D 73 0.33 12.44 12.13
N ASN D 74 0.79 11.43 11.39
CA ASN D 74 1.93 11.60 10.51
C ASN D 74 1.60 12.43 9.30
N VAL D 75 0.35 12.45 8.88
CA VAL D 75 -0.04 13.33 7.80
C VAL D 75 0.13 14.78 8.26
N ASP D 76 -0.36 15.08 9.46
CA ASP D 76 -0.19 16.42 10.03
C ASP D 76 1.28 16.81 10.10
N GLN D 77 2.12 15.86 10.47
CA GLN D 77 3.55 16.09 10.59
C GLN D 77 4.16 16.36 9.22
N MET D 78 3.90 15.48 8.26
CA MET D 78 4.39 15.65 6.90
C MET D 78 4.03 17.03 6.39
N VAL D 79 2.77 17.41 6.52
CA VAL D 79 2.30 18.70 6.06
C VAL D 79 3.00 19.84 6.78
N SER D 80 2.92 19.83 8.11
CA SER D 80 3.55 20.85 8.93
C SER D 80 5.04 21.02 8.60
N MET D 81 5.74 19.89 8.49
CA MET D 81 7.18 19.82 8.25
C MET D 81 7.57 20.39 6.87
N THR D 82 6.71 20.14 5.89
CA THR D 82 6.90 20.63 4.53
C THR D 82 6.73 22.15 4.47
N LYS D 83 5.73 22.67 5.18
CA LYS D 83 5.53 24.12 5.28
C LYS D 83 6.75 24.80 5.90
N ARG D 84 7.39 24.13 6.85
CA ARG D 84 8.58 24.65 7.53
C ARG D 84 9.80 24.70 6.62
N ILE D 85 9.84 23.82 5.62
CA ILE D 85 10.89 23.87 4.59
C ILE D 85 10.64 25.07 3.66
N ALA D 86 9.40 25.21 3.21
CA ALA D 86 9.01 26.25 2.25
C ALA D 86 9.16 27.67 2.82
N SER D 87 8.61 27.88 4.01
CA SER D 87 8.81 29.15 4.72
C SER D 87 10.25 29.26 5.24
N GLY D 88 11.02 28.17 5.14
CA GLY D 88 12.48 28.22 5.26
C GLY D 88 13.03 29.07 4.12
N HIS D 89 12.88 30.38 4.29
CA HIS D 89 13.14 31.34 3.23
C HIS D 89 14.60 31.39 2.88
C1 MLI I . -5.92 0.93 -0.24
C2 MLI I . -7.41 0.92 -0.49
C3 MLI I . -5.32 -0.45 0.01
O6 MLI I . -7.88 1.89 -1.14
O7 MLI I . -8.13 -0.02 -0.05
O8 MLI I . -4.12 -0.51 0.38
O9 MLI I . -6.01 -1.46 -0.18
H11 MLI I . -5.70 1.57 0.62
H12 MLI I . -5.43 1.36 -1.11
C1 MLI J . -4.33 -6.37 -0.08
C2 MLI J . -3.17 -6.42 0.89
C3 MLI J . -5.06 -5.04 0.03
O6 MLI J . -2.36 -5.47 0.88
O7 MLI J . -3.08 -7.40 1.65
O8 MLI J . -4.39 -4.00 0.15
O9 MLI J . -6.31 -5.06 -0.04
H11 MLI J . -5.03 -7.18 0.14
H12 MLI J . -3.97 -6.52 -1.09
NA NA K . -2.33 -2.34 -0.15
#